data_7AOS
#
_entry.id   7AOS
#
_cell.length_a   108.283
_cell.length_b   108.283
_cell.length_c   99.786
_cell.angle_alpha   90.000
_cell.angle_beta   90.000
_cell.angle_gamma   90.000
#
_symmetry.space_group_name_H-M   'P 43 21 2'
#
loop_
_entity.id
_entity.type
_entity.pdbx_description
1 polymer 'Retinoic acid receptor RXR-alpha'
2 polymer 'Retinoic acid receptor alpha'
3 polymer 'Nuclear receptor coactivator 1'
4 non-polymer '6-[1-(3,5,5,8,8-PENTAMETHYL-5,6,7,8-TETRAHYDRONAPHTHALEN-2-YL)CYCLOPROPYL]PYRIDINE-3-CARBOXYLIC ACID'
5 non-polymer GLYCEROL
6 non-polymer '4-{[(5,5,8,8-tetramethyl-5,6,7,8-tetrahydronaphthalen-2-yl)carbonyl]amino}benzoic acid'
7 water water
#
loop_
_entity_poly.entity_id
_entity_poly.type
_entity_poly.pdbx_seq_one_letter_code
_entity_poly.pdbx_strand_id
1 'polypeptide(L)'
;SANEDMPVEKILEAELAVEPKTETYVEANMGLNPSSPNDPVTNICQAADKQLFTLVEWAKRIPHFSELPLDDQVILLRAG
WNELLIASFSHRSIAVKDGILLATGLHVHRNSAHSAGVGAIFDRVLTELVSKMRDMQMDKTELGCLRAIVLFNPDSKGLS
NPAEVEALREKVYASLEAYCKHKYPEQPGRFAKLLLRLPALRSIGLKCLEHLFFFKLIGDTPIDTFLMEMLEAPHQAT
;
A
2 'polypeptide(L)'
;MGSSHHHHHHSSGLVPRGSHESYTLTPEVGELIEKVRKAHQETFPALCQLGKYTTNNSSEQRVSLDIDLWDKFSELSTKC
IIKTVEFAKQLPGFTTLTIADQITLLKAACLDILILRICTRYTPEQDTMTFSDGLTLNRTQMHNAGFGPLTDLVFAFANQ
LLPLEMDDAETGLLSAICLICGDRQDLEQPDRVDMLQEPLLEALKVYVRKRRPSRPHMFPKMLMKITDLRSISAKGAERV
ITLKMEIPGSMPPLIQEMLENSEGLD
;
B
3 'polypeptide(L)' RHKILHRLLQEGSPSDITTLSVEPDKK C,D
#
loop_
_chem_comp.id
_chem_comp.type
_chem_comp.name
_chem_comp.formula
EQN non-polymer '4-{[(5,5,8,8-tetramethyl-5,6,7,8-tetrahydronaphthalen-2-yl)carbonyl]amino}benzoic acid' 'C22 H25 N O3'
GOL non-polymer GLYCEROL 'C3 H8 O3'
LG2 non-polymer '6-[1-(3,5,5,8,8-PENTAMETHYL-5,6,7,8-TETRAHYDRONAPHTHALEN-2-YL)CYCLOPROPYL]PYRIDINE-3-CARBOXYLIC ACID' 'C24 H29 N O2'
#
# COMPACT_ATOMS: atom_id res chain seq x y z
N SER A 1 0.42 27.81 -9.83
CA SER A 1 -0.96 27.79 -9.40
C SER A 1 -1.47 26.36 -9.28
N ALA A 2 -0.86 25.59 -8.38
CA ALA A 2 -1.30 24.21 -8.16
C ALA A 2 -2.66 24.15 -7.49
N ASN A 3 -3.00 25.15 -6.68
CA ASN A 3 -4.32 25.22 -6.07
C ASN A 3 -5.38 25.78 -6.99
N GLU A 4 -5.00 26.31 -8.15
CA GLU A 4 -5.99 26.82 -9.10
C GLU A 4 -6.66 25.68 -9.87
N ASP A 5 -5.99 24.54 -10.01
CA ASP A 5 -6.55 23.40 -10.74
C ASP A 5 -7.27 22.41 -9.82
N MET A 6 -6.88 22.37 -8.55
CA MET A 6 -7.54 21.51 -7.56
C MET A 6 -7.49 22.20 -6.21
N PRO A 7 -8.41 23.13 -5.96
CA PRO A 7 -8.33 23.94 -4.74
C PRO A 7 -8.67 23.12 -3.50
N VAL A 8 -7.80 23.22 -2.49
CA VAL A 8 -8.01 22.50 -1.24
C VAL A 8 -9.12 23.13 -0.42
N GLU A 9 -9.50 24.37 -0.72
CA GLU A 9 -10.61 25.00 0.01
C GLU A 9 -11.93 24.38 -0.38
N LYS A 10 -12.14 24.12 -1.67
CA LYS A 10 -13.36 23.46 -2.11
C LYS A 10 -13.38 22.00 -1.68
N ILE A 11 -12.22 21.37 -1.51
CA ILE A 11 -12.17 20.03 -0.96
C ILE A 11 -12.58 20.04 0.51
N LEU A 12 -12.09 21.02 1.27
CA LEU A 12 -12.52 21.16 2.66
C LEU A 12 -14.00 21.49 2.76
N GLU A 13 -14.53 22.27 1.81
CA GLU A 13 -15.97 22.52 1.78
C GLU A 13 -16.75 21.25 1.49
N ALA A 14 -16.19 20.35 0.67
CA ALA A 14 -16.84 19.07 0.44
C ALA A 14 -16.88 18.23 1.71
N GLU A 15 -15.87 18.36 2.57
CA GLU A 15 -15.84 17.62 3.82
C GLU A 15 -16.75 18.24 4.87
N LEU A 16 -16.82 19.57 4.92
CA LEU A 16 -17.63 20.23 5.94
C LEU A 16 -19.11 20.07 5.67
N ALA A 17 -19.53 20.12 4.40
CA ALA A 17 -20.94 19.96 4.07
C ALA A 17 -21.44 18.54 4.35
N VAL A 18 -20.53 17.58 4.48
CA VAL A 18 -20.91 16.19 4.73
C VAL A 18 -20.86 15.82 6.19
N GLU A 19 -20.54 16.76 7.08
CA GLU A 19 -20.45 16.49 8.50
C GLU A 19 -21.84 16.46 9.16
N LEU A 32 -41.87 8.01 24.31
CA LEU A 32 -40.76 7.71 23.42
C LEU A 32 -39.94 6.54 23.95
N ASN A 33 -39.42 5.72 23.04
CA ASN A 33 -38.73 4.49 23.41
C ASN A 33 -37.53 4.26 22.50
N PRO A 34 -36.48 3.63 23.02
CA PRO A 34 -35.24 3.48 22.23
C PRO A 34 -35.34 2.41 21.15
N SER A 35 -35.69 2.82 19.94
CA SER A 35 -35.83 1.89 18.81
C SER A 35 -34.54 1.84 18.00
N SER A 36 -33.49 1.37 18.67
CA SER A 36 -32.21 1.11 18.02
C SER A 36 -31.63 -0.18 18.60
N PRO A 37 -31.30 -1.17 17.77
CA PRO A 37 -30.78 -2.45 18.29
C PRO A 37 -29.45 -2.28 19.00
N ASN A 38 -28.89 -3.37 19.53
CA ASN A 38 -27.62 -3.29 20.23
C ASN A 38 -26.54 -4.20 19.66
N ASP A 39 -26.87 -5.09 18.73
CA ASP A 39 -25.82 -5.84 18.06
C ASP A 39 -24.91 -4.86 17.32
N PRO A 40 -23.63 -4.75 17.70
CA PRO A 40 -22.78 -3.70 17.11
C PRO A 40 -22.66 -3.77 15.61
N VAL A 41 -22.65 -4.98 15.04
CA VAL A 41 -22.49 -5.12 13.60
C VAL A 41 -23.63 -4.41 12.87
N THR A 42 -24.87 -4.67 13.28
CA THR A 42 -26.02 -4.02 12.64
C THR A 42 -25.96 -2.50 12.79
N ASN A 43 -25.49 -2.02 13.95
CA ASN A 43 -25.34 -0.59 14.13
C ASN A 43 -24.26 -0.03 13.20
N ILE A 44 -23.18 -0.78 13.00
CA ILE A 44 -22.10 -0.32 12.13
C ILE A 44 -22.55 -0.32 10.68
N CYS A 45 -23.26 -1.36 10.25
CA CYS A 45 -23.72 -1.42 8.86
C CYS A 45 -24.84 -0.43 8.59
N GLN A 46 -25.71 -0.17 9.56
CA GLN A 46 -26.77 0.82 9.37
C GLN A 46 -26.17 2.20 9.13
N ALA A 47 -25.23 2.61 9.97
CA ALA A 47 -24.58 3.91 9.81
C ALA A 47 -23.82 3.98 8.49
N ALA A 48 -23.27 2.86 8.03
CA ALA A 48 -22.57 2.86 6.75
C ALA A 48 -23.52 3.09 5.59
N ASP A 49 -24.77 2.61 5.70
CA ASP A 49 -25.72 2.78 4.62
C ASP A 49 -26.08 4.25 4.41
N LYS A 50 -26.41 4.95 5.50
CA LYS A 50 -26.80 6.35 5.40
C LYS A 50 -25.62 7.29 5.15
N GLN A 51 -24.38 6.82 5.34
CA GLN A 51 -23.22 7.58 4.92
C GLN A 51 -22.90 7.38 3.45
N LEU A 52 -23.40 6.30 2.85
CA LEU A 52 -23.26 6.14 1.40
C LEU A 52 -24.08 7.19 0.67
N PHE A 53 -25.24 7.56 1.19
CA PHE A 53 -25.97 8.71 0.66
C PHE A 53 -25.18 10.00 0.87
N THR A 54 -24.44 10.09 1.97
CA THR A 54 -23.62 11.28 2.23
C THR A 54 -22.45 11.35 1.27
N LEU A 55 -21.81 10.21 0.98
CA LEU A 55 -20.61 10.20 0.16
C LEU A 55 -20.90 10.58 -1.28
N VAL A 56 -22.06 10.19 -1.80
CA VAL A 56 -22.42 10.57 -3.17
C VAL A 56 -22.41 12.09 -3.31
N GLU A 57 -23.08 12.79 -2.38
CA GLU A 57 -23.09 14.24 -2.43
C GLU A 57 -21.71 14.83 -2.12
N TRP A 58 -20.86 14.09 -1.40
CA TRP A 58 -19.50 14.56 -1.18
C TRP A 58 -18.69 14.52 -2.47
N ALA A 59 -18.78 13.42 -3.21
CA ALA A 59 -17.97 13.25 -4.41
C ALA A 59 -18.30 14.30 -5.46
N LYS A 60 -19.59 14.60 -5.63
CA LYS A 60 -19.99 15.62 -6.59
C LYS A 60 -19.48 17.01 -6.20
N ARG A 61 -19.13 17.22 -4.93
CA ARG A 61 -18.54 18.48 -4.51
C ARG A 61 -17.03 18.50 -4.69
N ILE A 62 -16.39 17.35 -4.82
CA ILE A 62 -14.96 17.31 -5.12
C ILE A 62 -14.73 17.87 -6.52
N PRO A 63 -13.77 18.77 -6.71
CA PRO A 63 -13.62 19.43 -8.02
C PRO A 63 -13.39 18.43 -9.15
N HIS A 64 -14.07 18.68 -10.26
CA HIS A 64 -13.98 17.96 -11.53
C HIS A 64 -14.54 16.54 -11.48
N PHE A 65 -15.17 16.12 -10.38
CA PHE A 65 -15.69 14.76 -10.33
C PHE A 65 -16.89 14.58 -11.26
N SER A 66 -17.90 15.46 -11.12
CA SER A 66 -19.09 15.41 -11.96
C SER A 66 -18.83 15.82 -13.40
N GLU A 67 -17.63 16.30 -13.71
CA GLU A 67 -17.27 16.59 -15.09
C GLU A 67 -16.83 15.33 -15.85
N LEU A 68 -16.50 14.26 -15.13
CA LEU A 68 -16.22 12.99 -15.77
C LEU A 68 -17.51 12.41 -16.34
N PRO A 69 -17.39 11.48 -17.29
CA PRO A 69 -18.58 10.76 -17.76
C PRO A 69 -19.31 10.10 -16.60
N LEU A 70 -20.64 9.97 -16.75
CA LEU A 70 -21.48 9.51 -15.66
C LEU A 70 -21.04 8.15 -15.15
N ASP A 71 -20.80 7.21 -16.07
CA ASP A 71 -20.40 5.86 -15.66
C ASP A 71 -19.02 5.86 -15.01
N ASP A 72 -18.13 6.77 -15.42
CA ASP A 72 -16.84 6.87 -14.77
C ASP A 72 -16.99 7.26 -13.30
N GLN A 73 -17.96 8.12 -13.00
CA GLN A 73 -18.27 8.44 -11.61
C GLN A 73 -18.83 7.23 -10.89
N VAL A 74 -19.69 6.46 -11.57
CA VAL A 74 -20.27 5.27 -10.95
C VAL A 74 -19.19 4.26 -10.60
N ILE A 75 -18.24 4.04 -11.52
CA ILE A 75 -17.17 3.08 -11.27
C ILE A 75 -16.24 3.58 -10.17
N LEU A 76 -15.92 4.87 -10.20
CA LEU A 76 -14.98 5.42 -9.23
C LEU A 76 -15.55 5.38 -7.82
N LEU A 77 -16.84 5.66 -7.66
CA LEU A 77 -17.44 5.61 -6.33
C LEU A 77 -17.68 4.18 -5.88
N ARG A 78 -18.13 3.31 -6.79
CA ARG A 78 -18.30 1.90 -6.43
C ARG A 78 -16.98 1.20 -6.17
N ALA A 79 -15.86 1.78 -6.61
CA ALA A 79 -14.55 1.17 -6.40
C ALA A 79 -13.95 1.55 -5.05
N GLY A 80 -14.15 2.78 -4.59
CA GLY A 80 -13.51 3.22 -3.37
C GLY A 80 -14.43 3.62 -2.25
N TRP A 81 -15.72 3.27 -2.35
CA TRP A 81 -16.67 3.69 -1.33
C TRP A 81 -16.29 3.16 0.05
N ASN A 82 -15.79 1.93 0.11
CA ASN A 82 -15.41 1.36 1.40
C ASN A 82 -14.22 2.12 2.01
N GLU A 83 -13.20 2.38 1.20
CA GLU A 83 -12.07 3.18 1.68
C GLU A 83 -12.50 4.60 2.02
N LEU A 84 -13.42 5.16 1.23
CA LEU A 84 -13.83 6.54 1.44
C LEU A 84 -14.57 6.73 2.75
N LEU A 85 -15.38 5.74 3.15
CA LEU A 85 -16.10 5.84 4.40
C LEU A 85 -15.26 5.40 5.60
N ILE A 86 -14.39 4.42 5.43
CA ILE A 86 -13.46 4.05 6.51
C ILE A 86 -12.61 5.24 6.90
N ALA A 87 -12.18 6.03 5.90
CA ALA A 87 -11.30 7.16 6.18
C ALA A 87 -11.96 8.18 7.08
N SER A 88 -13.18 8.60 6.74
CA SER A 88 -13.81 9.72 7.43
C SER A 88 -14.50 9.32 8.73
N PHE A 89 -14.75 8.03 8.97
CA PHE A 89 -15.22 7.66 10.31
C PHE A 89 -14.06 7.38 11.25
N SER A 90 -12.92 6.92 10.72
CA SER A 90 -11.74 6.79 11.56
C SER A 90 -11.21 8.16 11.96
N HIS A 91 -11.17 9.11 11.02
CA HIS A 91 -10.80 10.48 11.36
C HIS A 91 -11.86 11.12 12.26
N ARG A 92 -13.11 10.68 12.17
CA ARG A 92 -14.13 11.16 13.08
C ARG A 92 -13.92 10.65 14.50
N SER A 93 -13.18 9.55 14.67
CA SER A 93 -12.99 8.92 15.97
C SER A 93 -11.65 9.29 16.60
N ILE A 94 -11.09 10.45 16.25
CA ILE A 94 -9.78 10.84 16.75
C ILE A 94 -9.81 10.98 18.27
N ALA A 95 -10.81 11.69 18.79
CA ALA A 95 -10.91 11.90 20.23
C ALA A 95 -11.50 10.72 20.99
N VAL A 96 -12.02 9.72 20.29
CA VAL A 96 -12.60 8.55 20.94
C VAL A 96 -11.48 7.67 21.47
N LYS A 97 -11.62 7.24 22.72
CA LYS A 97 -10.60 6.41 23.38
C LYS A 97 -10.94 4.95 23.15
N ASP A 98 -10.13 4.27 22.33
CA ASP A 98 -10.27 2.83 22.07
C ASP A 98 -11.65 2.51 21.49
N GLY A 99 -12.03 3.24 20.45
CA GLY A 99 -13.32 3.00 19.82
C GLY A 99 -13.49 3.91 18.62
N ILE A 100 -14.67 3.81 18.02
CA ILE A 100 -15.04 4.63 16.87
C ILE A 100 -16.41 5.24 17.10
N LEU A 101 -16.65 6.38 16.47
CA LEU A 101 -17.92 7.09 16.56
C LEU A 101 -18.63 6.95 15.22
N LEU A 102 -19.73 6.19 15.22
CA LEU A 102 -20.49 5.98 13.99
C LEU A 102 -21.26 7.26 13.64
N ALA A 103 -21.65 7.34 12.36
CA ALA A 103 -22.35 8.53 11.87
C ALA A 103 -23.73 8.70 12.49
N THR A 104 -24.27 7.66 13.12
CA THR A 104 -25.53 7.76 13.83
C THR A 104 -25.37 8.38 15.21
N GLY A 105 -24.16 8.76 15.59
CA GLY A 105 -23.90 9.27 16.92
C GLY A 105 -23.65 8.22 17.97
N LEU A 106 -23.66 6.94 17.60
CA LEU A 106 -23.40 5.86 18.52
C LEU A 106 -21.93 5.47 18.49
N HIS A 107 -21.45 4.95 19.61
CA HIS A 107 -20.06 4.55 19.76
C HIS A 107 -19.94 3.04 19.84
N VAL A 108 -18.79 2.52 19.40
CA VAL A 108 -18.46 1.11 19.47
C VAL A 108 -17.03 1.00 19.99
N HIS A 109 -16.86 0.36 21.15
CA HIS A 109 -15.55 0.23 21.77
C HIS A 109 -14.98 -1.16 21.53
N ARG A 110 -13.82 -1.42 22.13
CA ARG A 110 -13.04 -2.61 21.78
C ARG A 110 -13.77 -3.90 22.19
N ASN A 111 -14.21 -3.98 23.44
CA ASN A 111 -14.81 -5.23 23.92
C ASN A 111 -16.11 -5.54 23.17
N SER A 112 -16.94 -4.52 22.94
CA SER A 112 -18.16 -4.73 22.17
C SER A 112 -17.83 -5.15 20.74
N ALA A 113 -16.66 -4.76 20.23
CA ALA A 113 -16.21 -5.25 18.93
C ALA A 113 -15.52 -6.60 19.06
N HIS A 114 -14.87 -6.86 20.20
CA HIS A 114 -14.26 -8.17 20.42
C HIS A 114 -15.32 -9.25 20.56
N SER A 115 -16.31 -9.01 21.41
CA SER A 115 -17.40 -9.99 21.60
C SER A 115 -18.22 -10.18 20.34
N ALA A 116 -18.20 -9.21 19.42
CA ALA A 116 -18.88 -9.36 18.13
C ALA A 116 -18.07 -10.15 17.11
N GLY A 117 -16.81 -10.46 17.42
CA GLY A 117 -15.98 -11.25 16.54
C GLY A 117 -15.17 -10.46 15.53
N VAL A 118 -15.29 -9.13 15.52
CA VAL A 118 -14.59 -8.29 14.56
C VAL A 118 -13.44 -7.53 15.21
N GLY A 119 -13.02 -7.96 16.40
CA GLY A 119 -11.99 -7.23 17.13
C GLY A 119 -10.66 -7.18 16.41
N ALA A 120 -10.35 -8.22 15.61
CA ALA A 120 -9.09 -8.25 14.88
C ALA A 120 -8.99 -7.06 13.92
N ILE A 121 -9.94 -6.95 13.00
CA ILE A 121 -9.94 -5.83 12.08
C ILE A 121 -10.22 -4.52 12.82
N PHE A 122 -10.93 -4.60 13.95
CA PHE A 122 -11.19 -3.41 14.74
C PHE A 122 -9.90 -2.85 15.34
N ASP A 123 -9.05 -3.72 15.88
CA ASP A 123 -7.81 -3.27 16.50
C ASP A 123 -6.85 -2.69 15.48
N ARG A 124 -6.95 -3.15 14.23
CA ARG A 124 -6.10 -2.62 13.17
C ARG A 124 -6.56 -1.26 12.70
N VAL A 125 -7.87 -1.07 12.56
CA VAL A 125 -8.39 0.27 12.33
C VAL A 125 -7.95 1.22 13.45
N LEU A 126 -8.03 0.75 14.70
CA LEU A 126 -7.71 1.60 15.82
C LEU A 126 -6.23 1.95 15.88
N THR A 127 -5.35 1.03 15.48
CA THR A 127 -3.91 1.26 15.60
C THR A 127 -3.24 1.75 14.32
N GLU A 128 -3.76 1.37 13.15
CA GLU A 128 -3.16 1.77 11.88
C GLU A 128 -3.84 2.97 11.25
N LEU A 129 -5.01 3.37 11.72
CA LEU A 129 -5.72 4.46 11.09
C LEU A 129 -5.92 5.62 12.07
N VAL A 130 -6.86 5.47 13.00
CA VAL A 130 -7.22 6.60 13.86
C VAL A 130 -6.07 6.98 14.77
N SER A 131 -5.34 6.00 15.31
CA SER A 131 -4.18 6.32 16.13
C SER A 131 -3.10 7.02 15.33
N LYS A 132 -2.90 6.59 14.08
CA LYS A 132 -1.96 7.29 13.20
C LYS A 132 -2.47 8.69 12.86
N MET A 133 -3.76 8.82 12.59
CA MET A 133 -4.32 10.13 12.26
C MET A 133 -4.27 11.07 13.45
N ARG A 134 -4.55 10.57 14.66
CA ARG A 134 -4.59 11.43 15.83
C ARG A 134 -3.20 11.91 16.22
N ASP A 135 -2.26 10.97 16.37
CA ASP A 135 -0.92 11.34 16.83
C ASP A 135 -0.20 12.23 15.82
N MET A 136 -0.65 12.27 14.58
CA MET A 136 -0.14 13.22 13.59
C MET A 136 -1.02 14.44 13.44
N GLN A 137 -2.19 14.45 14.07
CA GLN A 137 -3.11 15.59 14.05
C GLN A 137 -3.49 15.99 12.61
N MET A 138 -4.03 15.01 11.90
CA MET A 138 -4.48 15.23 10.53
C MET A 138 -5.74 16.09 10.53
N ASP A 139 -5.69 17.22 9.82
CA ASP A 139 -6.84 18.11 9.76
C ASP A 139 -7.78 17.69 8.62
N LYS A 140 -8.96 18.31 8.61
CA LYS A 140 -10.00 17.90 7.66
C LYS A 140 -9.60 18.20 6.21
N THR A 141 -8.79 19.23 5.98
CA THR A 141 -8.31 19.51 4.63
C THR A 141 -7.46 18.36 4.10
N GLU A 142 -6.53 17.87 4.93
CA GLU A 142 -5.70 16.74 4.53
C GLU A 142 -6.52 15.46 4.37
N LEU A 143 -7.55 15.27 5.21
CA LEU A 143 -8.40 14.11 5.08
C LEU A 143 -9.19 14.15 3.77
N GLY A 144 -9.76 15.30 3.43
CA GLY A 144 -10.49 15.41 2.18
C GLY A 144 -9.61 15.18 0.97
N CYS A 145 -8.35 15.64 1.04
CA CYS A 145 -7.43 15.42 -0.07
C CYS A 145 -7.10 13.94 -0.23
N LEU A 146 -6.86 13.25 0.89
CA LEU A 146 -6.58 11.81 0.82
C LEU A 146 -7.78 11.04 0.29
N ARG A 147 -8.99 11.48 0.64
CA ARG A 147 -10.19 10.86 0.07
C ARG A 147 -10.30 11.15 -1.41
N ALA A 148 -10.01 12.39 -1.82
CA ALA A 148 -10.02 12.72 -3.24
C ALA A 148 -8.99 11.90 -4.01
N ILE A 149 -7.88 11.54 -3.36
CA ILE A 149 -6.91 10.65 -3.99
C ILE A 149 -7.48 9.25 -4.13
N VAL A 150 -8.20 8.77 -3.11
CA VAL A 150 -8.81 7.46 -3.18
C VAL A 150 -9.92 7.44 -4.22
N LEU A 151 -10.67 8.54 -4.35
CA LEU A 151 -11.75 8.59 -5.31
C LEU A 151 -11.23 8.55 -6.74
N PHE A 152 -10.21 9.35 -7.04
CA PHE A 152 -9.62 9.42 -8.38
C PHE A 152 -8.62 8.26 -8.57
N ASN A 153 -9.18 7.04 -8.58
CA ASN A 153 -8.36 5.86 -8.76
C ASN A 153 -8.45 5.38 -10.19
N PRO A 154 -7.40 5.57 -11.01
CA PRO A 154 -7.48 5.15 -12.42
C PRO A 154 -7.45 3.64 -12.61
N ASP A 155 -7.16 2.86 -11.57
CA ASP A 155 -7.06 1.41 -11.70
C ASP A 155 -8.42 0.72 -11.69
N SER A 156 -9.50 1.46 -11.48
CA SER A 156 -10.82 0.85 -11.38
C SER A 156 -11.26 0.28 -12.72
N LYS A 157 -11.76 -0.95 -12.70
CA LYS A 157 -12.12 -1.66 -13.92
C LYS A 157 -13.14 -0.89 -14.73
N GLY A 158 -12.94 -0.81 -16.04
CA GLY A 158 -13.92 -0.28 -16.95
C GLY A 158 -13.88 1.22 -17.16
N LEU A 159 -12.92 1.92 -16.58
CA LEU A 159 -12.89 3.37 -16.71
C LEU A 159 -12.52 3.75 -18.13
N SER A 160 -13.32 4.61 -18.76
CA SER A 160 -12.96 5.17 -20.06
C SER A 160 -12.07 6.38 -19.82
N ASN A 161 -10.89 6.38 -20.46
CA ASN A 161 -9.87 7.39 -20.32
C ASN A 161 -9.38 7.40 -18.88
N PRO A 162 -8.61 6.38 -18.46
CA PRO A 162 -8.10 6.40 -17.09
C PRO A 162 -7.06 7.48 -16.85
N ALA A 163 -6.40 7.97 -17.91
CA ALA A 163 -5.44 9.06 -17.75
C ALA A 163 -6.12 10.33 -17.26
N GLU A 164 -7.39 10.54 -17.64
CA GLU A 164 -8.14 11.67 -17.11
C GLU A 164 -8.35 11.53 -15.61
N VAL A 165 -8.52 10.31 -15.11
CA VAL A 165 -8.64 10.09 -13.68
C VAL A 165 -7.27 10.18 -13.00
N GLU A 166 -6.23 9.68 -13.66
CA GLU A 166 -4.88 9.78 -13.11
C GLU A 166 -4.42 11.23 -13.03
N ALA A 167 -4.87 12.07 -13.96
CA ALA A 167 -4.49 13.48 -13.94
C ALA A 167 -5.15 14.21 -12.78
N LEU A 168 -6.41 13.88 -12.47
CA LEU A 168 -7.08 14.51 -11.35
C LEU A 168 -6.45 14.09 -10.03
N ARG A 169 -6.07 12.82 -9.91
CA ARG A 169 -5.40 12.36 -8.70
C ARG A 169 -4.06 13.07 -8.51
N GLU A 170 -3.30 13.23 -9.60
CA GLU A 170 -2.02 13.93 -9.50
C GLU A 170 -2.20 15.40 -9.16
N LYS A 171 -3.34 15.98 -9.52
CA LYS A 171 -3.61 17.36 -9.14
C LYS A 171 -3.81 17.48 -7.64
N VAL A 172 -4.43 16.48 -7.02
CA VAL A 172 -4.59 16.49 -5.57
C VAL A 172 -3.24 16.35 -4.88
N TYR A 173 -2.33 15.58 -5.47
CA TYR A 173 -0.96 15.49 -4.96
C TYR A 173 -0.33 16.88 -4.81
N ALA A 174 -0.33 17.64 -5.90
CA ALA A 174 0.35 18.93 -5.90
C ALA A 174 -0.31 19.90 -4.93
N SER A 175 -1.64 19.91 -4.86
CA SER A 175 -2.33 20.84 -3.96
C SER A 175 -2.25 20.38 -2.51
N LEU A 176 -2.32 19.07 -2.26
CA LEU A 176 -2.16 18.58 -0.90
C LEU A 176 -0.75 18.86 -0.38
N GLU A 177 0.27 18.59 -1.22
CA GLU A 177 1.64 18.86 -0.80
C GLU A 177 1.85 20.36 -0.61
N ALA A 178 1.31 21.18 -1.50
CA ALA A 178 1.41 22.63 -1.32
C ALA A 178 0.76 23.06 -0.01
N TYR A 179 -0.33 22.39 0.37
CA TYR A 179 -0.97 22.69 1.64
C TYR A 179 -0.10 22.26 2.82
N CYS A 180 0.47 21.06 2.73
CA CYS A 180 1.31 20.56 3.82
C CYS A 180 2.53 21.44 4.02
N LYS A 181 3.19 21.83 2.93
CA LYS A 181 4.38 22.67 3.05
C LYS A 181 4.03 24.08 3.51
N HIS A 182 2.81 24.53 3.26
CA HIS A 182 2.41 25.88 3.63
C HIS A 182 2.03 25.97 5.10
N LYS A 183 1.16 25.08 5.56
CA LYS A 183 0.65 25.17 6.94
C LYS A 183 1.45 24.34 7.93
N TYR A 184 2.27 23.40 7.46
CA TYR A 184 3.12 22.58 8.33
C TYR A 184 4.56 22.69 7.85
N PRO A 185 5.17 23.88 7.96
CA PRO A 185 6.50 24.08 7.38
C PRO A 185 7.60 23.31 8.10
N GLU A 186 7.41 23.01 9.38
CA GLU A 186 8.42 22.30 10.16
C GLU A 186 8.34 20.79 10.01
N GLN A 187 7.41 20.29 9.18
CA GLN A 187 7.25 18.86 8.93
C GLN A 187 7.42 18.61 7.45
N PRO A 188 8.65 18.44 6.96
CA PRO A 188 8.86 18.24 5.52
C PRO A 188 8.30 16.93 5.01
N GLY A 189 8.31 15.87 5.83
CA GLY A 189 7.79 14.58 5.40
C GLY A 189 6.31 14.42 5.69
N ARG A 190 5.63 15.55 5.93
CA ARG A 190 4.21 15.51 6.28
C ARG A 190 3.38 14.98 5.12
N PHE A 191 3.61 15.50 3.92
CA PHE A 191 2.88 15.04 2.74
C PHE A 191 3.10 13.55 2.50
N ALA A 192 4.32 13.06 2.74
CA ALA A 192 4.61 11.64 2.55
C ALA A 192 3.94 10.80 3.62
N LYS A 193 4.01 11.23 4.88
CA LYS A 193 3.38 10.48 5.97
C LYS A 193 1.88 10.40 5.78
N LEU A 194 1.26 11.42 5.18
CA LEU A 194 -0.16 11.35 4.87
C LEU A 194 -0.44 10.29 3.82
N LEU A 195 0.36 10.26 2.75
CA LEU A 195 0.16 9.26 1.71
C LEU A 195 0.42 7.85 2.22
N LEU A 196 1.33 7.70 3.18
CA LEU A 196 1.67 6.38 3.70
C LEU A 196 0.57 5.78 4.58
N ARG A 197 -0.56 6.47 4.75
CA ARG A 197 -1.72 5.88 5.42
C ARG A 197 -2.60 5.09 4.46
N LEU A 198 -2.46 5.32 3.15
CA LEU A 198 -3.24 4.64 2.13
C LEU A 198 -2.96 3.14 2.05
N PRO A 199 -1.71 2.68 2.25
CA PRO A 199 -1.50 1.22 2.31
C PRO A 199 -2.31 0.54 3.40
N ALA A 200 -2.38 1.13 4.59
CA ALA A 200 -3.21 0.55 5.65
C ALA A 200 -4.69 0.72 5.35
N LEU A 201 -5.05 1.76 4.60
CA LEU A 201 -6.46 1.97 4.27
C LEU A 201 -6.95 0.97 3.25
N ARG A 202 -6.15 0.70 2.22
CA ARG A 202 -6.54 -0.27 1.19
C ARG A 202 -6.66 -1.67 1.76
N SER A 203 -5.72 -2.07 2.62
CA SER A 203 -5.70 -3.42 3.14
C SER A 203 -6.90 -3.70 4.07
N ILE A 204 -7.17 -2.77 4.99
CA ILE A 204 -8.32 -2.95 5.87
C ILE A 204 -9.62 -2.76 5.10
N GLY A 205 -9.60 -1.93 4.07
CA GLY A 205 -10.79 -1.76 3.25
C GLY A 205 -11.25 -3.04 2.59
N LEU A 206 -10.30 -3.89 2.18
CA LEU A 206 -10.65 -5.17 1.57
C LEU A 206 -10.97 -6.22 2.64
N LYS A 207 -10.26 -6.18 3.76
CA LYS A 207 -10.59 -7.05 4.88
C LYS A 207 -11.96 -6.72 5.45
N CYS A 208 -12.41 -5.49 5.27
CA CYS A 208 -13.76 -5.14 5.69
C CYS A 208 -14.79 -5.70 4.71
N LEU A 209 -14.43 -5.76 3.42
CA LEU A 209 -15.35 -6.33 2.44
C LEU A 209 -15.53 -7.84 2.62
N GLU A 210 -14.49 -8.57 3.04
CA GLU A 210 -14.68 -9.99 3.31
C GLU A 210 -15.48 -10.20 4.59
N HIS A 211 -15.31 -9.33 5.58
CA HIS A 211 -16.19 -9.38 6.74
C HIS A 211 -17.64 -9.09 6.34
N LEU A 212 -17.84 -8.15 5.43
CA LEU A 212 -19.19 -7.78 5.02
C LEU A 212 -19.89 -8.94 4.32
N PHE A 213 -19.23 -9.51 3.30
CA PHE A 213 -19.86 -10.57 2.51
C PHE A 213 -20.05 -11.83 3.34
N PHE A 214 -19.12 -12.13 4.25
CA PHE A 214 -19.29 -13.26 5.15
C PHE A 214 -20.42 -13.06 6.14
N PHE A 215 -20.97 -11.85 6.23
CA PHE A 215 -22.10 -11.57 7.12
C PHE A 215 -23.45 -11.80 6.45
N LYS A 216 -23.48 -11.96 5.12
CA LYS A 216 -24.73 -12.19 4.41
C LYS A 216 -25.08 -13.68 4.45
N LEU A 217 -24.64 -14.37 5.49
CA LEU A 217 -24.91 -15.80 5.65
C LEU A 217 -25.58 -16.06 6.99
N PRO A 222 -28.83 -9.03 8.81
CA PRO A 222 -29.51 -7.75 8.57
C PRO A 222 -29.10 -7.10 7.26
N ILE A 223 -30.01 -6.36 6.63
CA ILE A 223 -29.77 -5.78 5.32
C ILE A 223 -29.99 -4.27 5.39
N ASP A 224 -29.40 -3.58 4.41
CA ASP A 224 -29.56 -2.14 4.25
C ASP A 224 -29.73 -1.84 2.77
N THR A 225 -30.36 -0.70 2.46
CA THR A 225 -30.76 -0.43 1.09
C THR A 225 -29.56 -0.14 0.20
N PHE A 226 -28.81 0.93 0.50
CA PHE A 226 -27.69 1.32 -0.36
C PHE A 226 -26.49 0.40 -0.16
N LEU A 227 -26.32 -0.15 1.04
CA LEU A 227 -25.15 -1.00 1.30
C LEU A 227 -25.25 -2.31 0.54
N MET A 228 -26.45 -2.90 0.46
CA MET A 228 -26.60 -4.16 -0.26
C MET A 228 -26.35 -3.98 -1.76
N GLU A 229 -26.70 -2.82 -2.32
CA GLU A 229 -26.44 -2.57 -3.73
C GLU A 229 -24.96 -2.31 -4.00
N MET A 230 -24.27 -1.66 -3.06
CA MET A 230 -22.83 -1.47 -3.19
C MET A 230 -22.05 -2.76 -3.03
N LEU A 231 -22.72 -3.85 -2.67
CA LEU A 231 -22.08 -5.17 -2.56
C LEU A 231 -22.57 -6.13 -3.63
N GLU A 232 -23.28 -5.64 -4.64
CA GLU A 232 -23.81 -6.49 -5.70
C GLU A 232 -22.68 -7.14 -6.51
N HIS B 20 13.65 28.06 -7.37
CA HIS B 20 15.06 27.72 -7.46
C HIS B 20 15.41 26.55 -6.55
N GLU B 21 16.38 25.74 -6.97
CA GLU B 21 16.80 24.58 -6.20
C GLU B 21 18.26 24.30 -6.51
N SER B 22 18.96 23.74 -5.52
CA SER B 22 20.38 23.43 -5.67
C SER B 22 20.55 22.14 -6.45
N TYR B 23 21.48 22.13 -7.39
CA TYR B 23 21.74 20.93 -8.17
C TYR B 23 22.42 19.83 -7.36
N THR B 24 22.85 20.12 -6.14
CA THR B 24 23.53 19.17 -5.27
C THR B 24 22.59 18.72 -4.16
N LEU B 25 23.07 17.79 -3.35
CA LEU B 25 22.32 17.24 -2.22
C LEU B 25 22.97 17.65 -0.90
N THR B 26 22.15 17.72 0.14
CA THR B 26 22.67 17.98 1.47
C THR B 26 23.65 16.88 1.86
N PRO B 27 24.81 17.21 2.44
CA PRO B 27 25.80 16.16 2.77
C PRO B 27 25.23 15.06 3.66
N GLU B 28 24.34 15.41 4.59
CA GLU B 28 23.70 14.38 5.40
C GLU B 28 22.81 13.47 4.56
N VAL B 29 22.12 14.06 3.58
CA VAL B 29 21.23 13.27 2.73
C VAL B 29 22.02 12.46 1.70
N GLY B 30 23.10 13.04 1.17
CA GLY B 30 23.85 12.35 0.12
C GLY B 30 24.46 11.04 0.59
N GLU B 31 24.94 11.01 1.84
CA GLU B 31 25.56 9.79 2.34
C GLU B 31 24.53 8.78 2.83
N LEU B 32 23.31 9.20 3.17
CA LEU B 32 22.24 8.24 3.37
C LEU B 32 21.86 7.59 2.05
N ILE B 33 21.72 8.39 1.00
CA ILE B 33 21.42 7.85 -0.33
C ILE B 33 22.55 6.97 -0.82
N GLU B 34 23.80 7.43 -0.63
CA GLU B 34 24.94 6.61 -1.02
C GLU B 34 24.97 5.31 -0.23
N LYS B 35 24.64 5.36 1.06
CA LYS B 35 24.61 4.15 1.87
C LYS B 35 23.55 3.17 1.37
N VAL B 36 22.36 3.69 1.06
CA VAL B 36 21.27 2.82 0.63
C VAL B 36 21.53 2.30 -0.79
N ARG B 37 22.07 3.15 -1.66
CA ARG B 37 22.41 2.69 -3.00
C ARG B 37 23.45 1.58 -2.96
N LYS B 38 24.47 1.74 -2.13
CA LYS B 38 25.50 0.70 -2.01
C LYS B 38 24.92 -0.59 -1.44
N ALA B 39 24.01 -0.47 -0.48
CA ALA B 39 23.41 -1.67 0.12
C ALA B 39 22.59 -2.44 -0.91
N HIS B 40 21.85 -1.72 -1.76
CA HIS B 40 21.02 -2.38 -2.76
C HIS B 40 21.88 -3.04 -3.84
N GLN B 41 22.92 -2.35 -4.29
CA GLN B 41 23.76 -2.89 -5.36
C GLN B 41 24.57 -4.09 -4.88
N GLU B 42 25.07 -4.03 -3.64
CA GLU B 42 25.85 -5.14 -3.11
C GLU B 42 25.00 -6.36 -2.78
N THR B 43 23.69 -6.19 -2.62
CA THR B 43 22.80 -7.29 -2.31
C THR B 43 21.84 -7.63 -3.44
N PHE B 44 21.91 -6.89 -4.56
CA PHE B 44 20.99 -7.11 -5.67
C PHE B 44 21.64 -6.57 -6.94
N PRO B 45 22.36 -7.42 -7.67
CA PRO B 45 22.97 -6.97 -8.93
C PRO B 45 21.91 -6.56 -9.93
N ALA B 46 22.24 -5.53 -10.71
CA ALA B 46 21.29 -5.03 -11.69
C ALA B 46 21.25 -5.93 -12.91
N LEU B 47 20.14 -5.82 -13.65
CA LEU B 47 20.03 -6.51 -14.93
C LEU B 47 21.09 -6.05 -15.92
N CYS B 48 21.70 -4.89 -15.68
CA CYS B 48 22.72 -4.37 -16.58
C CYS B 48 24.00 -5.20 -16.55
N GLN B 49 24.24 -5.98 -15.50
CA GLN B 49 25.47 -6.73 -15.34
C GLN B 49 25.18 -8.19 -15.04
N LEU B 50 24.22 -8.78 -15.76
CA LEU B 50 23.83 -10.17 -15.55
C LEU B 50 23.83 -10.89 -16.90
N GLY B 51 24.57 -11.98 -16.98
CA GLY B 51 24.52 -12.84 -18.14
C GLY B 51 23.32 -13.75 -18.08
N LYS B 52 22.27 -13.42 -18.83
CA LYS B 52 21.03 -14.19 -18.76
C LYS B 52 21.22 -15.59 -19.33
N TYR B 53 20.57 -16.57 -18.70
CA TYR B 53 20.49 -17.91 -19.23
C TYR B 53 19.06 -18.40 -19.08
N THR B 54 18.56 -19.09 -20.10
CA THR B 54 17.18 -19.55 -20.13
C THR B 54 17.12 -21.07 -20.01
N THR B 55 15.93 -21.57 -19.68
CA THR B 55 15.65 -22.99 -19.62
C THR B 55 14.46 -23.30 -20.52
N ASN B 56 14.09 -24.58 -20.58
CA ASN B 56 12.99 -25.01 -21.42
C ASN B 56 11.97 -25.86 -20.67
N ASN B 57 12.00 -25.81 -19.34
CA ASN B 57 10.98 -26.47 -18.53
C ASN B 57 9.69 -25.66 -18.58
N SER B 58 8.64 -26.26 -19.13
CA SER B 58 7.31 -25.64 -19.18
C SER B 58 7.36 -24.26 -19.82
N SER B 59 7.87 -24.21 -21.05
CA SER B 59 8.09 -22.95 -21.74
C SER B 59 6.89 -22.49 -22.55
N GLU B 60 5.88 -23.33 -22.73
CA GLU B 60 4.77 -22.99 -23.63
C GLU B 60 3.42 -23.03 -22.93
N GLN B 61 3.09 -24.10 -22.23
CA GLN B 61 1.79 -24.27 -21.61
C GLN B 61 1.89 -24.08 -20.10
N ARG B 62 0.86 -23.45 -19.52
CA ARG B 62 0.81 -23.24 -18.09
C ARG B 62 0.27 -24.49 -17.39
N VAL B 63 0.99 -24.95 -16.37
CA VAL B 63 0.60 -26.12 -15.59
C VAL B 63 0.51 -25.70 -14.12
N SER B 64 -0.12 -26.57 -13.33
CA SER B 64 -0.33 -26.30 -11.90
C SER B 64 0.95 -25.87 -11.22
N LEU B 65 2.01 -26.68 -11.39
CA LEU B 65 3.27 -26.48 -10.70
C LEU B 65 4.36 -27.31 -11.37
N ASP B 66 5.37 -26.66 -11.93
CA ASP B 66 6.53 -27.36 -12.46
C ASP B 66 7.51 -27.57 -11.31
N ILE B 67 7.69 -28.83 -10.92
CA ILE B 67 8.52 -29.15 -9.77
C ILE B 67 9.96 -28.76 -10.03
N ASP B 68 10.43 -28.95 -11.26
CA ASP B 68 11.79 -28.54 -11.61
C ASP B 68 11.98 -27.04 -11.43
N LEU B 69 11.03 -26.25 -11.95
CA LEU B 69 11.15 -24.80 -11.78
C LEU B 69 10.92 -24.39 -10.33
N TRP B 70 10.06 -25.10 -9.60
CA TRP B 70 9.78 -24.72 -8.23
C TRP B 70 11.01 -24.88 -7.33
N ASP B 71 11.77 -25.96 -7.53
CA ASP B 71 12.98 -26.17 -6.74
C ASP B 71 13.99 -25.05 -6.97
N LYS B 72 14.21 -24.69 -8.23
CA LYS B 72 15.14 -23.60 -8.54
C LYS B 72 14.61 -22.27 -8.04
N PHE B 73 13.32 -22.01 -8.26
CA PHE B 73 12.73 -20.74 -7.84
C PHE B 73 12.73 -20.61 -6.31
N SER B 74 12.39 -21.70 -5.61
CA SER B 74 12.43 -21.67 -4.15
C SER B 74 13.84 -21.44 -3.64
N GLU B 75 14.83 -22.04 -4.30
CA GLU B 75 16.22 -21.84 -3.90
C GLU B 75 16.67 -20.41 -4.14
N LEU B 76 16.30 -19.83 -5.30
CA LEU B 76 16.64 -18.44 -5.57
C LEU B 76 15.94 -17.51 -4.58
N SER B 77 14.70 -17.83 -4.21
CA SER B 77 13.97 -17.01 -3.24
C SER B 77 14.63 -17.07 -1.87
N THR B 78 15.13 -18.25 -1.48
CA THR B 78 15.89 -18.35 -0.23
C THR B 78 17.14 -17.48 -0.29
N LYS B 79 17.83 -17.46 -1.42
CA LYS B 79 19.06 -16.68 -1.54
C LYS B 79 18.78 -15.18 -1.45
N CYS B 80 17.71 -14.71 -2.07
CA CYS B 80 17.41 -13.28 -2.05
C CYS B 80 16.85 -12.82 -0.72
N ILE B 81 16.18 -13.71 0.02
CA ILE B 81 15.78 -13.37 1.38
C ILE B 81 17.02 -13.12 2.23
N ILE B 82 18.04 -13.96 2.07
CA ILE B 82 19.32 -13.72 2.73
C ILE B 82 19.89 -12.37 2.32
N LYS B 83 19.83 -12.07 1.03
CA LYS B 83 20.34 -10.78 0.54
C LYS B 83 19.51 -9.62 1.09
N THR B 84 18.20 -9.81 1.20
CA THR B 84 17.34 -8.77 1.75
C THR B 84 17.70 -8.49 3.21
N VAL B 85 17.97 -9.54 3.98
CA VAL B 85 18.39 -9.34 5.37
C VAL B 85 19.74 -8.65 5.42
N GLU B 86 20.67 -9.05 4.55
CA GLU B 86 21.95 -8.34 4.47
C GLU B 86 21.76 -6.91 3.99
N PHE B 87 20.78 -6.67 3.12
CA PHE B 87 20.45 -5.30 2.74
C PHE B 87 19.85 -4.53 3.91
N ALA B 88 19.04 -5.21 4.73
CA ALA B 88 18.38 -4.54 5.84
C ALA B 88 19.36 -4.13 6.93
N LYS B 89 20.34 -4.98 7.23
CA LYS B 89 21.27 -4.70 8.32
C LYS B 89 22.18 -3.51 8.00
N GLN B 90 22.34 -3.17 6.73
CA GLN B 90 23.16 -2.02 6.35
C GLN B 90 22.39 -0.71 6.43
N LEU B 91 21.06 -0.77 6.47
CA LEU B 91 20.27 0.45 6.60
C LEU B 91 20.53 1.10 7.95
N PRO B 92 20.77 2.41 8.01
CA PRO B 92 21.14 3.05 9.28
C PRO B 92 20.06 2.88 10.33
N GLY B 93 20.44 2.32 11.48
CA GLY B 93 19.56 2.19 12.61
C GLY B 93 18.79 0.88 12.68
N PHE B 94 18.74 0.11 11.59
CA PHE B 94 17.98 -1.13 11.60
C PHE B 94 18.54 -2.11 12.63
N THR B 95 19.86 -2.24 12.68
CA THR B 95 20.49 -3.15 13.64
C THR B 95 20.44 -2.63 15.07
N THR B 96 20.07 -1.36 15.27
CA THR B 96 19.93 -0.81 16.60
C THR B 96 18.56 -1.02 17.22
N LEU B 97 17.56 -1.39 16.41
CA LEU B 97 16.28 -1.76 16.97
C LEU B 97 16.34 -3.18 17.54
N THR B 98 15.41 -3.47 18.43
CA THR B 98 15.33 -4.81 19.02
C THR B 98 15.22 -5.86 17.93
N ILE B 99 15.88 -7.01 18.15
CA ILE B 99 15.84 -8.08 17.16
C ILE B 99 14.40 -8.55 16.95
N ALA B 100 13.57 -8.50 17.99
CA ALA B 100 12.16 -8.83 17.83
C ALA B 100 11.49 -7.91 16.82
N ASP B 101 11.86 -6.63 16.82
CA ASP B 101 11.31 -5.70 15.84
C ASP B 101 11.92 -5.94 14.46
N GLN B 102 13.22 -6.24 14.41
CA GLN B 102 13.86 -6.54 13.13
C GLN B 102 13.25 -7.77 12.48
N ILE B 103 12.92 -8.79 13.28
CA ILE B 103 12.27 -9.98 12.74
C ILE B 103 10.86 -9.64 12.25
N THR B 104 10.13 -8.84 13.02
CA THR B 104 8.78 -8.45 12.61
C THR B 104 8.79 -7.61 11.34
N LEU B 105 9.75 -6.68 11.24
CA LEU B 105 9.81 -5.82 10.07
C LEU B 105 10.17 -6.62 8.82
N LEU B 106 11.15 -7.51 8.93
CA LEU B 106 11.55 -8.32 7.78
C LEU B 106 10.44 -9.29 7.37
N LYS B 107 9.81 -9.93 8.34
CA LYS B 107 8.72 -10.87 8.03
C LYS B 107 7.58 -10.16 7.31
N ALA B 108 7.22 -8.96 7.77
CA ALA B 108 6.08 -8.25 7.20
C ALA B 108 6.36 -7.63 5.84
N ALA B 109 7.64 -7.44 5.48
CA ALA B 109 7.98 -6.78 4.23
C ALA B 109 8.76 -7.69 3.28
N CYS B 110 8.97 -8.95 3.63
CA CYS B 110 9.82 -9.82 2.81
C CYS B 110 9.24 -10.00 1.41
N LEU B 111 7.95 -10.34 1.33
CA LEU B 111 7.32 -10.51 0.02
C LEU B 111 7.30 -9.21 -0.77
N ASP B 112 7.16 -8.08 -0.08
CA ASP B 112 7.18 -6.78 -0.77
C ASP B 112 8.53 -6.54 -1.43
N ILE B 113 9.63 -6.85 -0.72
CA ILE B 113 10.96 -6.59 -1.27
C ILE B 113 11.25 -7.56 -2.41
N LEU B 114 10.99 -8.85 -2.20
CA LEU B 114 11.26 -9.85 -3.24
C LEU B 114 10.53 -9.53 -4.52
N ILE B 115 9.24 -9.18 -4.42
CA ILE B 115 8.45 -8.87 -5.61
C ILE B 115 8.96 -7.60 -6.27
N LEU B 116 9.24 -6.57 -5.47
CA LEU B 116 9.79 -5.34 -6.03
C LEU B 116 11.12 -5.59 -6.72
N ARG B 117 11.94 -6.48 -6.15
CA ARG B 117 13.27 -6.74 -6.72
C ARG B 117 13.16 -7.45 -8.06
N ILE B 118 12.37 -8.52 -8.12
CA ILE B 118 12.26 -9.28 -9.37
C ILE B 118 11.54 -8.46 -10.44
N CYS B 119 10.64 -7.56 -10.04
CA CYS B 119 10.00 -6.69 -11.02
C CYS B 119 10.96 -5.68 -11.62
N THR B 120 12.06 -5.37 -10.91
CA THR B 120 13.07 -4.48 -11.45
C THR B 120 13.80 -5.10 -12.63
N ARG B 121 13.90 -6.43 -12.65
CA ARG B 121 14.60 -7.16 -13.69
C ARG B 121 13.67 -7.64 -14.80
N TYR B 122 12.64 -6.87 -15.12
CA TYR B 122 11.66 -7.23 -16.12
C TYR B 122 12.07 -6.64 -17.47
N THR B 123 12.29 -7.51 -18.45
CA THR B 123 12.60 -7.06 -19.81
C THR B 123 11.31 -7.03 -20.61
N PRO B 124 10.80 -5.86 -20.98
CA PRO B 124 9.48 -5.80 -21.63
C PRO B 124 9.46 -6.37 -23.03
N GLU B 125 10.60 -6.36 -23.73
CA GLU B 125 10.62 -6.83 -25.11
C GLU B 125 10.33 -8.33 -25.20
N GLN B 126 10.90 -9.11 -24.27
CA GLN B 126 10.73 -10.55 -24.28
C GLN B 126 9.72 -11.04 -23.24
N ASP B 127 9.14 -10.13 -22.46
CA ASP B 127 8.13 -10.48 -21.44
C ASP B 127 8.70 -11.49 -20.44
N THR B 128 9.92 -11.22 -19.98
CA THR B 128 10.64 -12.10 -19.08
C THR B 128 11.10 -11.33 -17.85
N MET B 129 11.55 -12.08 -16.85
CA MET B 129 12.16 -11.52 -15.65
C MET B 129 13.37 -12.35 -15.28
N THR B 130 14.41 -11.68 -14.80
CA THR B 130 15.72 -12.30 -14.58
C THR B 130 16.03 -12.33 -13.10
N PHE B 131 16.51 -13.47 -12.61
CA PHE B 131 16.89 -13.60 -11.22
C PHE B 131 18.36 -13.26 -11.04
N SER B 132 18.79 -13.20 -9.78
CA SER B 132 20.15 -12.74 -9.46
C SER B 132 21.24 -13.64 -10.03
N ASP B 133 20.95 -14.91 -10.26
CA ASP B 133 21.90 -15.82 -10.88
C ASP B 133 21.88 -15.72 -12.40
N GLY B 134 21.00 -14.90 -12.98
CA GLY B 134 20.90 -14.74 -14.41
C GLY B 134 19.76 -15.50 -15.04
N LEU B 135 19.09 -16.39 -14.31
CA LEU B 135 18.01 -17.17 -14.87
C LEU B 135 16.88 -16.26 -15.35
N THR B 136 16.52 -16.40 -16.62
CA THR B 136 15.51 -15.58 -17.26
C THR B 136 14.35 -16.48 -17.68
N LEU B 137 13.20 -16.29 -17.05
CA LEU B 137 12.01 -17.08 -17.33
C LEU B 137 10.95 -16.21 -18.00
N ASN B 138 10.24 -16.78 -18.97
CA ASN B 138 9.13 -16.06 -19.56
C ASN B 138 7.92 -16.13 -18.64
N ARG B 139 6.85 -15.41 -19.01
CA ARG B 139 5.67 -15.34 -18.17
C ARG B 139 5.11 -16.71 -17.86
N THR B 140 5.13 -17.62 -18.84
CA THR B 140 4.63 -18.97 -18.63
C THR B 140 5.48 -19.71 -17.60
N GLN B 141 6.81 -19.65 -17.74
CA GLN B 141 7.69 -20.31 -16.79
C GLN B 141 7.60 -19.68 -15.41
N MET B 142 7.45 -18.35 -15.35
CA MET B 142 7.24 -17.69 -14.07
C MET B 142 5.98 -18.21 -13.39
N HIS B 143 4.92 -18.43 -14.16
CA HIS B 143 3.69 -18.99 -13.61
C HIS B 143 3.93 -20.40 -13.09
N ASN B 144 4.57 -21.24 -13.89
CA ASN B 144 4.75 -22.65 -13.53
C ASN B 144 5.77 -22.84 -12.42
N ALA B 145 6.66 -21.87 -12.19
CA ALA B 145 7.63 -22.00 -11.12
C ALA B 145 7.00 -21.90 -9.74
N GLY B 146 5.82 -21.32 -9.63
CA GLY B 146 5.13 -21.23 -8.36
C GLY B 146 4.23 -20.02 -8.23
N PHE B 147 4.44 -19.01 -9.08
CA PHE B 147 3.66 -17.78 -9.00
C PHE B 147 2.17 -18.06 -9.15
N GLY B 148 1.80 -18.83 -10.17
CA GLY B 148 0.43 -19.22 -10.38
C GLY B 148 -0.50 -18.05 -10.65
N PRO B 149 -1.54 -17.91 -9.82
CA PRO B 149 -2.51 -16.83 -10.06
C PRO B 149 -1.94 -15.43 -9.88
N LEU B 150 -0.73 -15.30 -9.33
CA LEU B 150 -0.10 -14.01 -9.11
C LEU B 150 0.67 -13.51 -10.33
N THR B 151 0.84 -14.35 -11.35
CA THR B 151 1.75 -14.02 -12.46
C THR B 151 1.32 -12.75 -13.17
N ASP B 152 0.06 -12.68 -13.60
CA ASP B 152 -0.39 -11.52 -14.37
C ASP B 152 -0.40 -10.25 -13.52
N LEU B 153 -0.70 -10.36 -12.22
CA LEU B 153 -0.63 -9.20 -11.34
C LEU B 153 0.80 -8.70 -11.20
N VAL B 154 1.75 -9.63 -11.03
CA VAL B 154 3.15 -9.25 -10.86
C VAL B 154 3.69 -8.65 -12.15
N PHE B 155 3.37 -9.25 -13.29
CA PHE B 155 3.84 -8.72 -14.57
C PHE B 155 3.21 -7.36 -14.86
N ALA B 156 1.94 -7.19 -14.48
CA ALA B 156 1.30 -5.88 -14.66
C ALA B 156 1.90 -4.84 -13.73
N PHE B 157 2.44 -5.27 -12.58
CA PHE B 157 3.12 -4.35 -11.67
C PHE B 157 4.50 -3.98 -12.19
N ALA B 158 5.24 -4.95 -12.71
CA ALA B 158 6.54 -4.67 -13.30
C ALA B 158 6.41 -3.75 -14.50
N ASN B 159 5.31 -3.86 -15.25
CA ASN B 159 5.06 -2.95 -16.36
C ASN B 159 4.83 -1.53 -15.86
N GLN B 160 4.08 -1.37 -14.76
CA GLN B 160 3.84 -0.06 -14.20
C GLN B 160 5.11 0.57 -13.64
N LEU B 161 6.16 -0.23 -13.43
CA LEU B 161 7.40 0.28 -12.87
C LEU B 161 8.30 0.93 -13.92
N LEU B 162 8.07 0.66 -15.20
CA LEU B 162 9.01 1.11 -16.23
C LEU B 162 8.99 2.61 -16.42
N PRO B 163 7.83 3.30 -16.52
CA PRO B 163 7.86 4.76 -16.69
C PRO B 163 8.46 5.51 -15.51
N LEU B 164 8.62 4.87 -14.34
CA LEU B 164 9.23 5.54 -13.20
C LEU B 164 10.74 5.70 -13.37
N GLU B 165 11.37 4.83 -14.16
CA GLU B 165 12.81 4.91 -14.44
C GLU B 165 13.64 4.95 -13.16
N MET B 166 13.32 4.04 -12.24
CA MET B 166 14.00 4.01 -10.96
C MET B 166 15.41 3.44 -11.11
N ASP B 167 16.37 4.10 -10.49
CA ASP B 167 17.75 3.61 -10.48
C ASP B 167 17.98 2.79 -9.21
N ASP B 168 19.25 2.51 -8.90
CA ASP B 168 19.55 1.68 -7.74
C ASP B 168 19.21 2.40 -6.43
N ALA B 169 19.48 3.70 -6.37
CA ALA B 169 19.19 4.45 -5.15
C ALA B 169 17.69 4.49 -4.86
N GLU B 170 16.88 4.74 -5.90
CA GLU B 170 15.44 4.84 -5.70
C GLU B 170 14.81 3.48 -5.38
N THR B 171 15.33 2.41 -6.02
CA THR B 171 14.81 1.08 -5.73
C THR B 171 15.17 0.64 -4.32
N GLY B 172 16.40 0.93 -3.89
CA GLY B 172 16.79 0.61 -2.52
C GLY B 172 16.04 1.45 -1.51
N LEU B 173 15.87 2.74 -1.79
CA LEU B 173 15.15 3.61 -0.87
C LEU B 173 13.70 3.16 -0.70
N LEU B 174 13.03 2.85 -1.82
CA LEU B 174 11.66 2.36 -1.73
C LEU B 174 11.60 1.01 -1.01
N SER B 175 12.62 0.17 -1.20
CA SER B 175 12.71 -1.07 -0.43
C SER B 175 12.88 -0.77 1.05
N ALA B 176 13.75 0.19 1.37
CA ALA B 176 13.98 0.55 2.77
C ALA B 176 12.72 1.14 3.39
N ILE B 177 11.94 1.88 2.61
CA ILE B 177 10.71 2.48 3.14
C ILE B 177 9.67 1.42 3.43
N CYS B 178 9.56 0.40 2.57
CA CYS B 178 8.62 -0.68 2.79
CA CYS B 178 8.60 -0.66 2.81
C CYS B 178 8.98 -1.50 4.02
N LEU B 179 10.27 -1.68 4.28
CA LEU B 179 10.72 -2.51 5.40
C LEU B 179 10.60 -1.75 6.72
N ILE B 180 11.11 -0.52 6.77
CA ILE B 180 11.13 0.25 8.02
C ILE B 180 9.84 1.05 8.05
N CYS B 181 8.75 0.36 8.39
CA CYS B 181 7.42 0.95 8.42
C CYS B 181 6.84 0.79 9.82
N GLY B 182 6.34 1.89 10.38
CA GLY B 182 5.92 1.92 11.77
C GLY B 182 4.53 1.38 12.06
N ASP B 183 3.69 1.21 11.05
CA ASP B 183 2.35 0.66 11.25
C ASP B 183 2.32 -0.84 10.98
N ARG B 184 3.30 -1.56 11.50
CA ARG B 184 3.32 -3.02 11.46
C ARG B 184 2.83 -3.56 12.79
N GLN B 185 2.13 -4.68 12.74
CA GLN B 185 1.61 -5.29 13.96
C GLN B 185 2.74 -5.89 14.79
N ASP B 186 2.48 -6.02 16.09
CA ASP B 186 3.38 -6.61 17.07
C ASP B 186 4.68 -5.83 17.25
N LEU B 187 4.80 -4.66 16.65
CA LEU B 187 5.99 -3.84 16.83
C LEU B 187 6.08 -3.37 18.29
N GLU B 188 7.27 -3.53 18.87
CA GLU B 188 7.47 -3.16 20.27
C GLU B 188 7.83 -1.69 20.44
N GLN B 189 8.44 -1.08 19.42
CA GLN B 189 8.78 0.34 19.44
C GLN B 189 8.40 0.95 18.10
N PRO B 190 7.10 1.10 17.83
CA PRO B 190 6.69 1.58 16.50
C PRO B 190 7.12 3.01 16.22
N ASP B 191 7.08 3.89 17.22
CA ASP B 191 7.51 5.27 17.01
C ASP B 191 9.00 5.34 16.70
N ARG B 192 9.80 4.47 17.30
CA ARG B 192 11.22 4.44 16.98
C ARG B 192 11.45 4.00 15.53
N VAL B 193 10.62 3.06 15.05
CA VAL B 193 10.70 2.65 13.65
C VAL B 193 10.26 3.79 12.74
N ASP B 194 9.25 4.55 13.17
CA ASP B 194 8.78 5.68 12.39
C ASP B 194 9.87 6.74 12.23
N MET B 195 10.69 6.91 13.25
CA MET B 195 11.76 7.90 13.17
C MET B 195 12.83 7.48 12.17
N LEU B 196 13.11 6.18 12.08
CA LEU B 196 14.10 5.71 11.11
C LEU B 196 13.58 5.84 9.68
N GLN B 197 12.26 5.79 9.49
CA GLN B 197 11.71 5.90 8.15
C GLN B 197 11.72 7.35 7.66
N GLU B 198 11.70 8.32 8.57
CA GLU B 198 11.57 9.72 8.17
C GLU B 198 12.70 10.19 7.26
N PRO B 199 13.98 9.95 7.56
CA PRO B 199 15.03 10.41 6.63
C PRO B 199 15.00 9.68 5.30
N LEU B 200 14.57 8.42 5.27
CA LEU B 200 14.45 7.71 4.01
C LEU B 200 13.40 8.37 3.11
N LEU B 201 12.26 8.76 3.69
CA LEU B 201 11.26 9.49 2.92
C LEU B 201 11.81 10.83 2.43
N GLU B 202 12.57 11.52 3.29
CA GLU B 202 13.16 12.79 2.89
C GLU B 202 14.24 12.60 1.84
N ALA B 203 15.04 11.55 1.97
CA ALA B 203 16.08 11.28 0.98
C ALA B 203 15.47 10.97 -0.38
N LEU B 204 14.40 10.17 -0.40
CA LEU B 204 13.76 9.79 -1.65
C LEU B 204 13.11 10.99 -2.34
N LYS B 205 12.44 11.85 -1.56
CA LYS B 205 11.72 12.97 -2.14
C LYS B 205 12.67 13.94 -2.85
N VAL B 206 13.78 14.27 -2.21
CA VAL B 206 14.72 15.22 -2.81
C VAL B 206 15.51 14.56 -3.93
N TYR B 207 15.70 13.24 -3.87
CA TYR B 207 16.47 12.55 -4.90
C TYR B 207 15.65 12.35 -6.17
N VAL B 208 14.37 11.99 -6.03
CA VAL B 208 13.53 11.76 -7.20
C VAL B 208 13.28 13.07 -7.94
N ARG B 209 13.01 14.15 -7.21
CA ARG B 209 12.63 15.42 -7.83
C ARG B 209 13.82 16.17 -8.39
N LYS B 210 15.05 15.88 -7.93
CA LYS B 210 16.21 16.53 -8.52
C LYS B 210 16.68 15.82 -9.78
N ARG B 211 16.51 14.50 -9.85
CA ARG B 211 16.80 13.78 -11.09
C ARG B 211 15.74 14.04 -12.16
N ARG B 212 14.51 14.32 -11.74
CA ARG B 212 13.41 14.64 -12.65
C ARG B 212 12.82 15.99 -12.26
N PRO B 213 13.55 17.09 -12.52
CA PRO B 213 13.05 18.40 -12.11
C PRO B 213 11.81 18.85 -12.87
N SER B 214 11.48 18.19 -13.97
CA SER B 214 10.34 18.63 -14.78
C SER B 214 9.02 18.05 -14.29
N ARG B 215 9.05 16.86 -13.68
CA ARG B 215 7.84 16.17 -13.23
C ARG B 215 7.94 15.90 -11.74
N PRO B 216 7.42 16.79 -10.89
CA PRO B 216 7.47 16.54 -9.45
C PRO B 216 6.52 15.46 -8.99
N HIS B 217 5.49 15.14 -9.77
CA HIS B 217 4.52 14.12 -9.40
CA HIS B 217 4.52 14.13 -9.38
C HIS B 217 5.12 12.72 -9.33
N MET B 218 6.37 12.55 -9.76
CA MET B 218 6.99 11.23 -9.74
C MET B 218 7.24 10.72 -8.33
N PHE B 219 7.33 11.62 -7.34
CA PHE B 219 7.57 11.18 -5.97
C PHE B 219 6.29 10.59 -5.35
N PRO B 220 5.16 11.30 -5.36
CA PRO B 220 3.93 10.66 -4.85
C PRO B 220 3.50 9.47 -5.70
N LYS B 221 3.78 9.51 -7.00
CA LYS B 221 3.47 8.37 -7.86
C LYS B 221 4.31 7.15 -7.50
N MET B 222 5.55 7.36 -7.04
CA MET B 222 6.41 6.25 -6.67
C MET B 222 6.03 5.68 -5.31
N LEU B 223 5.63 6.53 -4.37
CA LEU B 223 5.22 6.05 -3.05
C LEU B 223 3.92 5.24 -3.14
N MET B 224 3.04 5.59 -4.08
CA MET B 224 1.75 4.92 -4.16
C MET B 224 1.87 3.47 -4.62
N LYS B 225 2.96 3.10 -5.30
CA LYS B 225 3.15 1.71 -5.66
C LYS B 225 3.43 0.83 -4.44
N ILE B 226 3.84 1.43 -3.32
CA ILE B 226 3.89 0.69 -2.06
C ILE B 226 2.50 0.17 -1.70
N THR B 227 1.47 0.98 -1.93
CA THR B 227 0.10 0.55 -1.70
C THR B 227 -0.24 -0.64 -2.60
N ASP B 228 0.10 -0.55 -3.88
CA ASP B 228 -0.08 -1.69 -4.78
C ASP B 228 0.79 -2.86 -4.34
N LEU B 229 2.01 -2.58 -3.90
CA LEU B 229 2.91 -3.65 -3.48
C LEU B 229 2.34 -4.41 -2.28
N ARG B 230 1.79 -3.69 -1.30
CA ARG B 230 1.24 -4.36 -0.13
C ARG B 230 -0.06 -5.08 -0.46
N SER B 231 -0.77 -4.63 -1.50
CA SER B 231 -1.95 -5.37 -1.94
C SER B 231 -1.55 -6.64 -2.68
N ILE B 232 -0.44 -6.59 -3.43
CA ILE B 232 0.04 -7.78 -4.13
C ILE B 232 0.61 -8.79 -3.16
N SER B 233 1.40 -8.32 -2.18
CA SER B 233 2.00 -9.23 -1.21
C SER B 233 0.94 -9.90 -0.35
N ALA B 234 -0.21 -9.25 -0.16
CA ALA B 234 -1.31 -9.91 0.54
C ALA B 234 -1.79 -11.13 -0.22
N LYS B 235 -1.81 -11.05 -1.56
CA LYS B 235 -2.14 -12.22 -2.36
C LYS B 235 -1.01 -13.24 -2.35
N GLY B 236 0.22 -12.78 -2.12
CA GLY B 236 1.32 -13.71 -1.96
C GLY B 236 1.16 -14.61 -0.74
N ALA B 237 0.75 -14.02 0.38
CA ALA B 237 0.45 -14.81 1.57
C ALA B 237 -0.70 -15.78 1.34
N GLU B 238 -1.58 -15.47 0.39
CA GLU B 238 -2.65 -16.37 -0.01
C GLU B 238 -2.22 -17.38 -1.06
N ARG B 239 -0.98 -17.29 -1.55
CA ARG B 239 -0.43 -18.29 -2.45
C ARG B 239 0.43 -19.32 -1.73
N VAL B 240 1.14 -18.93 -0.67
CA VAL B 240 1.92 -19.90 0.09
C VAL B 240 1.02 -20.89 0.80
N ILE B 241 -0.22 -20.48 1.13
CA ILE B 241 -1.15 -21.40 1.77
C ILE B 241 -1.54 -22.52 0.81
N THR B 242 -1.66 -22.20 -0.48
CA THR B 242 -2.01 -23.21 -1.48
C THR B 242 -0.78 -23.84 -2.12
N LEU B 243 0.35 -23.12 -2.16
CA LEU B 243 1.58 -23.74 -2.62
C LEU B 243 2.01 -24.89 -1.72
N LYS B 244 1.75 -24.78 -0.42
CA LYS B 244 2.10 -25.86 0.51
C LYS B 244 1.40 -27.17 0.16
N MET B 245 0.20 -27.09 -0.43
CA MET B 245 -0.56 -28.28 -0.78
C MET B 245 -0.17 -28.87 -2.12
N GLU B 246 0.64 -28.16 -2.92
CA GLU B 246 1.00 -28.61 -4.25
C GLU B 246 2.46 -29.01 -4.42
N ILE B 247 3.34 -28.57 -3.53
CA ILE B 247 4.75 -28.91 -3.62
C ILE B 247 4.96 -30.29 -3.01
N PRO B 248 5.96 -31.06 -3.46
CA PRO B 248 6.09 -32.45 -2.95
C PRO B 248 6.49 -32.51 -1.50
N GLY B 249 7.39 -31.62 -1.06
CA GLY B 249 7.82 -31.62 0.32
C GLY B 249 7.28 -30.44 1.10
N SER B 250 8.13 -29.82 1.89
CA SER B 250 7.77 -28.62 2.64
C SER B 250 8.49 -27.41 2.05
N MET B 251 8.14 -26.24 2.55
CA MET B 251 8.82 -25.04 2.14
C MET B 251 10.25 -25.03 2.71
N PRO B 252 11.18 -24.37 2.03
CA PRO B 252 12.51 -24.20 2.60
C PRO B 252 12.42 -23.53 3.96
N PRO B 253 13.32 -23.87 4.89
CA PRO B 253 13.18 -23.37 6.26
C PRO B 253 13.14 -21.86 6.37
N LEU B 254 13.98 -21.15 5.61
CA LEU B 254 13.98 -19.69 5.68
C LEU B 254 12.67 -19.11 5.17
N ILE B 255 12.11 -19.70 4.11
CA ILE B 255 10.82 -19.23 3.61
C ILE B 255 9.72 -19.48 4.63
N GLN B 256 9.82 -20.60 5.37
CA GLN B 256 8.86 -20.87 6.43
C GLN B 256 8.98 -19.85 7.56
N GLU B 257 10.20 -19.44 7.89
CA GLU B 257 10.39 -18.50 8.99
C GLU B 257 9.93 -17.10 8.62
N MET B 258 10.06 -16.71 7.35
CA MET B 258 9.64 -15.38 6.94
C MET B 258 8.13 -15.30 6.76
N LEU B 259 7.53 -16.32 6.15
CA LEU B 259 6.10 -16.32 5.87
C LEU B 259 5.35 -17.24 6.82
N GLU B 260 5.51 -17.01 8.12
CA GLU B 260 4.81 -17.80 9.13
C GLU B 260 3.72 -16.99 9.81
N ARG C 1 12.67 -21.19 17.31
CA ARG C 1 11.96 -20.57 16.20
C ARG C 1 12.79 -19.43 15.60
N HIS C 2 12.65 -19.24 14.28
CA HIS C 2 13.39 -18.21 13.54
C HIS C 2 14.90 -18.35 13.71
N LYS C 3 15.39 -19.60 13.86
CA LYS C 3 16.80 -19.78 14.15
C LYS C 3 17.70 -19.46 12.96
N ILE C 4 17.18 -19.55 11.74
CA ILE C 4 17.96 -19.08 10.59
C ILE C 4 17.95 -17.56 10.54
N LEU C 5 16.80 -16.94 10.79
CA LEU C 5 16.71 -15.49 10.80
C LEU C 5 17.55 -14.89 11.92
N HIS C 6 17.58 -15.56 13.08
CA HIS C 6 18.40 -15.09 14.19
C HIS C 6 19.88 -15.15 13.85
N ARG C 7 20.31 -16.19 13.13
CA ARG C 7 21.69 -16.29 12.72
C ARG C 7 22.08 -15.13 11.79
N LEU C 8 21.13 -14.62 11.02
CA LEU C 8 21.42 -13.55 10.08
C LEU C 8 21.56 -12.20 10.79
N LEU C 9 20.74 -11.96 11.82
CA LEU C 9 20.68 -10.65 12.46
C LEU C 9 21.74 -10.43 13.53
N GLN C 10 22.28 -11.51 14.11
CA GLN C 10 23.31 -11.36 15.13
C GLN C 10 24.69 -11.10 14.54
N GLU C 11 24.89 -11.37 13.26
CA GLU C 11 26.18 -11.19 12.62
C GLU C 11 26.56 -9.72 12.53
N ILE D 4 -30.42 3.72 -5.59
CA ILE D 4 -29.45 3.20 -6.55
C ILE D 4 -28.40 4.27 -6.83
N LEU D 5 -27.16 3.84 -7.04
CA LEU D 5 -26.07 4.78 -7.27
C LEU D 5 -26.29 5.60 -8.53
N HIS D 6 -26.85 4.97 -9.57
CA HIS D 6 -27.00 5.63 -10.86
C HIS D 6 -28.04 6.76 -10.83
N ARG D 7 -28.99 6.71 -9.89
CA ARG D 7 -30.03 7.74 -9.82
C ARG D 7 -29.60 8.94 -9.00
N LEU D 8 -28.84 8.72 -7.92
CA LEU D 8 -28.42 9.84 -7.07
C LEU D 8 -27.56 10.85 -7.83
N LEU D 9 -26.99 10.45 -8.96
CA LEU D 9 -26.30 11.36 -9.87
C LEU D 9 -27.29 11.80 -10.94
N GLN D 10 -27.48 13.12 -11.08
CA GLN D 10 -28.44 13.66 -12.02
C GLN D 10 -27.79 13.99 -13.35
C1 LG2 E . -16.41 -2.07 9.47
C2 LG2 E . -16.64 -0.93 8.70
C3 LG2 E . -17.81 -0.79 7.94
C4 LG2 E . -18.79 -1.84 7.97
C5 LG2 E . -18.55 -2.99 8.74
C6 LG2 E . -17.37 -3.11 9.49
C7 LG2 E . -17.10 -4.40 10.35
C8 LG2 E . -15.72 -4.61 10.90
C9 LG2 E . -15.03 -3.32 11.35
C10 LG2 E . -15.09 -2.22 10.33
C11 LG2 E . -17.99 0.52 7.12
C12 LG2 E . -18.43 1.88 7.73
N13 LG2 E . -18.68 2.94 6.93
C14 LG2 E . -19.06 4.13 7.48
C15 LG2 E . -19.20 4.24 8.86
C16 LG2 E . -18.96 3.17 9.66
C17 LG2 E . -18.57 1.99 9.11
C18 LG2 E . -19.64 5.58 9.48
O19 LG2 E . -20.38 5.60 10.48
O20 LG2 E . -19.24 6.66 8.96
C21 LG2 E . -16.85 0.82 6.14
C22 LG2 E . -18.27 0.66 5.60
C23 LG2 E . -18.10 -4.39 11.55
C24 LG2 E . -17.43 -5.62 9.46
C25 LG2 E . -13.91 -2.43 9.35
C26 LG2 E . -14.92 -0.90 11.11
C27 LG2 E . -20.10 -1.76 7.16
C1 GOL F . -1.83 -0.69 24.01
O1 GOL F . -2.01 0.18 25.08
C2 GOL F . -2.71 -1.92 24.29
O2 GOL F . -2.57 -2.89 23.31
C3 GOL F . -2.26 -2.42 25.69
O3 GOL F . -2.88 -1.61 26.64
CAA EQN G . 8.49 -18.69 -3.23
CAB EQN G . 8.88 -17.03 -1.39
CAC EQN G . 4.42 -15.87 -2.61
CAD EQN G . 4.43 -17.13 -4.73
OAE EQN G . 17.11 -13.77 -7.68
OAF EQN G . 9.82 -12.67 -5.75
OAG EQN G . 16.71 -11.64 -7.48
CAH EQN G . 13.51 -14.89 -6.01
CAI EQN G . 12.68 -12.65 -6.22
CAJ EQN G . 14.75 -14.48 -6.49
CAK EQN G . 13.90 -12.23 -6.71
CAL EQN G . 7.45 -14.21 -5.33
CAM EQN G . 6.34 -14.93 -4.90
CAN EQN G . 8.89 -15.60 -3.94
CAO EQN G . 6.68 -17.95 -1.81
CAP EQN G . 5.51 -18.04 -2.76
NAQ EQN G . 11.21 -14.49 -5.37
CAR EQN G . 16.33 -12.83 -7.35
CAS EQN G . 9.94 -13.79 -5.36
CAT EQN G . 12.48 -13.98 -5.86
CAU EQN G . 14.94 -13.14 -6.84
CAV EQN G . 8.73 -14.55 -4.85
CAW EQN G . 6.49 -15.97 -3.99
CAX EQN G . 7.78 -16.32 -3.51
CAY EQN G . 7.92 -17.49 -2.49
CAZ EQN G . 5.25 -16.78 -3.49
#